data_9H4A
#
_entry.id   9H4A
#
_cell.length_a   48.130
_cell.length_b   101.530
_cell.length_c   134.030
_cell.angle_alpha   90.000
_cell.angle_beta   90.000
_cell.angle_gamma   90.000
#
_symmetry.space_group_name_H-M   'C 2 2 21'
#
_entity_poly.entity_id   1
_entity_poly.type   'polypeptide(L)'
_entity_poly.pdbx_seq_one_letter_code
;TSEINLRIEPFSSPFATDLAKLQTQIGYKFNNINLLRRAMTHASFSQENNKALSIFGTHIIETAVSLQFLAKDIDISSKA
LGRLISEVSNVESSCALDGDRLGLGKIIRVSTKTDASNSAILCTGFRAIFGAIAIDAGTVDEAIKVFWKVHGARAGRLVS
MLS
;
_entity_poly.pdbx_strand_id   A,B
#
# COMPACT_ATOMS: atom_id res chain seq x y z
N SER A 13 -13.34 28.75 16.02
CA SER A 13 -14.29 27.81 15.44
C SER A 13 -14.11 26.42 16.02
N PRO A 14 -15.23 25.72 16.26
CA PRO A 14 -15.14 24.37 16.83
C PRO A 14 -14.46 23.36 15.91
N PHE A 15 -14.47 23.60 14.60
CA PHE A 15 -13.87 22.63 13.68
C PHE A 15 -12.35 22.65 13.77
N ALA A 16 -11.75 23.84 13.74
CA ALA A 16 -10.29 23.93 13.83
C ALA A 16 -9.78 23.47 15.20
N THR A 17 -10.60 23.60 16.24
CA THR A 17 -10.19 23.12 17.56
C THR A 17 -10.20 21.59 17.62
N ASP A 18 -11.24 20.98 17.06
CA ASP A 18 -11.29 19.52 16.98
C ASP A 18 -10.18 18.95 16.09
N LEU A 19 -9.67 19.75 15.14
CA LEU A 19 -8.54 19.31 14.34
C LEU A 19 -7.23 19.41 15.11
N ALA A 20 -7.09 20.45 15.95
CA ALA A 20 -5.90 20.57 16.78
C ALA A 20 -5.83 19.44 17.79
N LYS A 21 -6.96 19.10 18.42
CA LYS A 21 -6.99 17.95 19.32
C LYS A 21 -6.77 16.65 18.56
N LEU A 22 -7.20 16.60 17.29
CA LEU A 22 -7.03 15.39 16.50
C LEU A 22 -5.55 15.11 16.20
N GLN A 23 -4.79 16.16 15.87
CA GLN A 23 -3.37 15.97 15.59
C GLN A 23 -2.62 15.57 16.86
N THR A 24 -3.04 16.08 18.01
CA THR A 24 -2.42 15.68 19.27
C THR A 24 -2.70 14.20 19.57
N GLN A 25 -3.92 13.74 19.27
CA GLN A 25 -4.30 12.38 19.61
C GLN A 25 -3.58 11.36 18.73
N ILE A 26 -3.27 11.72 17.47
CA ILE A 26 -2.60 10.78 16.58
C ILE A 26 -1.08 10.92 16.60
N GLY A 27 -0.56 12.04 17.11
CA GLY A 27 0.87 12.20 17.20
C GLY A 27 1.55 12.64 15.92
N TYR A 28 0.89 13.45 15.11
CA TYR A 28 1.48 13.97 13.88
C TYR A 28 1.03 15.40 13.69
N LYS A 29 1.98 16.29 13.40
CA LYS A 29 1.72 17.71 13.22
C LYS A 29 1.70 18.02 11.73
N PHE A 30 0.52 18.37 11.21
CA PHE A 30 0.39 18.67 9.80
C PHE A 30 1.03 20.00 9.46
N ASN A 31 1.79 20.03 8.36
CA ASN A 31 2.30 21.29 7.83
C ASN A 31 1.17 22.06 7.13
N ASN A 32 0.64 21.50 6.05
CA ASN A 32 -0.53 22.05 5.36
C ASN A 32 -1.76 21.42 6.00
N ILE A 33 -2.42 22.15 6.89
CA ILE A 33 -3.58 21.63 7.60
C ILE A 33 -4.80 21.48 6.70
N ASN A 34 -4.77 22.09 5.52
CA ASN A 34 -5.88 21.91 4.57
C ASN A 34 -5.95 20.48 4.06
N LEU A 35 -4.86 19.70 4.15
CA LEU A 35 -4.93 18.28 3.83
C LEU A 35 -5.74 17.53 4.89
N LEU A 36 -5.57 17.90 6.16
CA LEU A 36 -6.39 17.30 7.21
C LEU A 36 -7.84 17.78 7.10
N ARG A 37 -8.04 19.06 6.79
CA ARG A 37 -9.39 19.57 6.59
C ARG A 37 -10.08 18.85 5.43
N ARG A 38 -9.32 18.51 4.39
CA ARG A 38 -9.88 17.76 3.28
C ARG A 38 -10.23 16.34 3.67
N ALA A 39 -9.49 15.74 4.59
CA ALA A 39 -9.76 14.38 5.00
C ALA A 39 -11.00 14.30 5.89
N MET A 40 -11.31 15.36 6.62
CA MET A 40 -12.47 15.39 7.50
C MET A 40 -13.72 15.95 6.81
N THR A 41 -13.72 16.02 5.49
CA THR A 41 -14.84 16.52 4.72
C THR A 41 -15.42 15.38 3.90
N HIS A 42 -16.64 14.96 4.24
CA HIS A 42 -17.28 13.88 3.51
C HIS A 42 -17.75 14.37 2.13
N ALA A 43 -18.03 13.41 1.25
CA ALA A 43 -18.44 13.75 -0.11
C ALA A 43 -19.76 14.51 -0.14
N SER A 44 -20.64 14.27 0.85
CA SER A 44 -21.93 14.95 0.86
C SER A 44 -21.81 16.41 1.29
N PHE A 45 -20.70 16.79 1.92
CA PHE A 45 -20.50 18.15 2.39
C PHE A 45 -19.96 19.07 1.29
N SER A 46 -18.94 18.63 0.56
CA SER A 46 -18.30 19.45 -0.45
C SER A 46 -17.68 18.56 -1.51
N GLN A 47 -17.31 19.19 -2.63
CA GLN A 47 -16.56 18.48 -3.67
C GLN A 47 -15.09 18.35 -3.32
N GLU A 48 -14.56 19.22 -2.46
CA GLU A 48 -13.23 19.04 -1.88
C GLU A 48 -13.36 18.09 -0.69
N ASN A 49 -13.56 16.82 -1.01
CA ASN A 49 -13.84 15.79 -0.02
C ASN A 49 -12.65 14.84 0.11
N ASN A 50 -12.89 13.70 0.74
CA ASN A 50 -11.82 12.76 1.07
C ASN A 50 -11.94 11.43 0.34
N LYS A 51 -12.74 11.34 -0.72
CA LYS A 51 -12.91 10.07 -1.41
C LYS A 51 -11.62 9.62 -2.06
N ALA A 52 -10.81 10.55 -2.57
CA ALA A 52 -9.53 10.18 -3.17
C ALA A 52 -8.53 9.78 -2.09
N LEU A 53 -8.44 10.55 -1.02
CA LEU A 53 -7.54 10.23 0.08
C LEU A 53 -7.94 8.94 0.78
N SER A 54 -9.22 8.55 0.70
CA SER A 54 -9.65 7.30 1.30
C SER A 54 -9.06 6.11 0.55
N ILE A 55 -8.97 6.20 -0.77
CA ILE A 55 -8.38 5.11 -1.55
C ILE A 55 -6.89 5.00 -1.27
N PHE A 56 -6.22 6.14 -1.10
CA PHE A 56 -4.81 6.13 -0.73
C PHE A 56 -4.61 5.47 0.63
N GLY A 57 -5.40 5.88 1.62
CA GLY A 57 -5.26 5.33 2.95
C GLY A 57 -5.54 3.84 3.03
N THR A 58 -6.40 3.34 2.14
CA THR A 58 -6.69 1.91 2.13
C THR A 58 -5.45 1.10 1.77
N HIS A 59 -4.73 1.52 0.73
CA HIS A 59 -3.55 0.78 0.31
C HIS A 59 -2.38 0.98 1.26
N ILE A 60 -2.33 2.12 1.96
CA ILE A 60 -1.30 2.31 2.98
C ILE A 60 -1.50 1.32 4.12
N ILE A 61 -2.75 1.13 4.54
CA ILE A 61 -3.03 0.17 5.61
C ILE A 61 -2.77 -1.26 5.15
N GLU A 62 -3.12 -1.56 3.89
CA GLU A 62 -2.85 -2.89 3.35
C GLU A 62 -1.34 -3.18 3.33
N THR A 63 -0.53 -2.16 3.06
CA THR A 63 0.93 -2.32 3.11
C THR A 63 1.43 -2.38 4.56
N ALA A 64 0.83 -1.60 5.45
CA ALA A 64 1.25 -1.61 6.85
C ALA A 64 1.00 -2.98 7.48
N VAL A 65 -0.15 -3.59 7.17
CA VAL A 65 -0.47 -4.90 7.72
C VAL A 65 0.41 -5.97 7.08
N SER A 66 0.68 -5.84 5.78
CA SER A 66 1.47 -6.85 5.08
C SER A 66 2.91 -6.86 5.59
N LEU A 67 3.48 -5.69 5.85
CA LEU A 67 4.87 -5.62 6.30
C LEU A 67 5.04 -6.22 7.68
N GLN A 68 4.07 -6.00 8.57
CA GLN A 68 4.22 -6.45 9.95
C GLN A 68 4.11 -7.97 10.05
N PHE A 69 3.28 -8.60 9.22
CA PHE A 69 3.14 -10.06 9.29
C PHE A 69 4.25 -10.76 8.52
N LEU A 70 4.62 -10.23 7.35
CA LEU A 70 5.67 -10.86 6.56
C LEU A 70 7.05 -10.71 7.20
N ALA A 71 7.22 -9.73 8.09
CA ALA A 71 8.49 -9.59 8.80
C ALA A 71 8.62 -10.65 9.90
N LYS A 72 7.52 -10.94 10.60
CA LYS A 72 7.56 -11.96 11.64
C LYS A 72 7.67 -13.35 11.03
N ASP A 73 6.75 -13.70 10.14
CA ASP A 73 6.67 -15.03 9.55
C ASP A 73 6.77 -14.88 8.03
N ILE A 74 7.95 -15.18 7.48
CA ILE A 74 8.13 -15.14 6.03
C ILE A 74 7.44 -16.32 5.36
N ASP A 75 7.21 -17.42 6.08
CA ASP A 75 6.55 -18.61 5.56
C ASP A 75 5.03 -18.55 5.71
N ILE A 76 4.45 -17.36 5.79
CA ILE A 76 3.00 -17.23 5.91
C ILE A 76 2.36 -17.51 4.56
N SER A 77 1.26 -18.26 4.58
CA SER A 77 0.56 -18.56 3.34
C SER A 77 -0.15 -17.32 2.81
N SER A 78 -0.26 -17.24 1.49
CA SER A 78 -0.94 -16.10 0.88
C SER A 78 -2.42 -16.06 1.28
N LYS A 79 -3.01 -17.22 1.56
CA LYS A 79 -4.39 -17.24 2.02
C LYS A 79 -4.52 -16.64 3.42
N ALA A 80 -3.54 -16.91 4.29
CA ALA A 80 -3.58 -16.34 5.63
C ALA A 80 -3.33 -14.83 5.59
N LEU A 81 -2.37 -14.40 4.78
CA LEU A 81 -2.09 -12.96 4.68
C LEU A 81 -3.29 -12.20 4.16
N GLY A 82 -4.05 -12.81 3.24
CA GLY A 82 -5.23 -12.14 2.71
C GLY A 82 -6.33 -12.02 3.75
N ARG A 83 -6.52 -13.05 4.56
CA ARG A 83 -7.53 -12.98 5.62
C ARG A 83 -7.14 -11.95 6.67
N LEU A 84 -5.86 -11.84 6.99
CA LEU A 84 -5.42 -10.86 7.98
C LEU A 84 -5.54 -9.44 7.46
N ILE A 85 -5.36 -9.23 6.16
CA ILE A 85 -5.57 -7.90 5.58
C ILE A 85 -7.04 -7.53 5.63
N SER A 86 -7.93 -8.50 5.36
CA SER A 86 -9.36 -8.23 5.39
C SER A 86 -9.87 -7.98 6.80
N GLU A 87 -9.24 -8.59 7.80
CA GLU A 87 -9.67 -8.37 9.18
C GLU A 87 -9.40 -6.94 9.62
N VAL A 88 -8.24 -6.39 9.25
CA VAL A 88 -7.87 -5.05 9.69
C VAL A 88 -8.62 -3.98 8.88
N SER A 89 -8.86 -4.23 7.59
CA SER A 89 -9.54 -3.28 6.73
C SER A 89 -11.05 -3.45 6.74
N ASN A 90 -11.59 -4.16 7.73
CA ASN A 90 -13.04 -4.33 7.82
C ASN A 90 -13.71 -2.99 8.08
N VAL A 91 -14.77 -2.72 7.32
CA VAL A 91 -15.44 -1.42 7.41
C VAL A 91 -16.18 -1.28 8.73
N GLU A 92 -16.84 -2.35 9.18
CA GLU A 92 -17.71 -2.26 10.36
C GLU A 92 -17.07 -2.83 11.63
N SER A 93 -16.02 -3.64 11.50
CA SER A 93 -15.43 -4.31 12.66
C SER A 93 -14.05 -3.79 13.03
N SER A 94 -13.45 -2.93 12.21
CA SER A 94 -12.11 -2.42 12.48
C SER A 94 -11.99 -0.96 12.07
N CYS A 95 -12.04 -0.70 10.77
CA CYS A 95 -11.98 0.66 10.24
C CYS A 95 -13.31 1.35 10.51
N ALA A 96 -13.52 1.71 11.78
CA ALA A 96 -14.71 2.40 12.27
C ALA A 96 -14.57 2.55 13.77
N LEU A 97 -14.34 1.42 14.45
CA LEU A 97 -14.04 1.47 15.87
C LEU A 97 -12.74 2.22 16.13
N ASP A 98 -11.78 2.12 15.21
CA ASP A 98 -10.60 2.98 15.28
C ASP A 98 -10.96 4.43 15.03
N GLY A 99 -11.86 4.69 14.07
CA GLY A 99 -12.26 6.05 13.80
C GLY A 99 -13.15 6.63 14.88
N ASP A 100 -14.02 5.81 15.47
CA ASP A 100 -14.89 6.31 16.54
C ASP A 100 -14.12 6.50 17.84
N ARG A 101 -13.05 5.72 18.04
CA ARG A 101 -12.20 5.95 19.21
C ARG A 101 -11.50 7.30 19.14
N LEU A 102 -11.16 7.76 17.94
CA LEU A 102 -10.58 9.07 17.76
C LEU A 102 -11.61 10.19 17.82
N GLY A 103 -12.90 9.85 17.80
CA GLY A 103 -13.94 10.86 17.85
C GLY A 103 -14.23 11.54 16.54
N LEU A 104 -13.96 10.87 15.42
CA LEU A 104 -14.18 11.48 14.11
C LEU A 104 -15.66 11.69 13.81
N GLY A 105 -16.54 11.01 14.53
CA GLY A 105 -17.97 11.18 14.30
C GLY A 105 -18.45 12.61 14.47
N LYS A 106 -17.75 13.40 15.28
CA LYS A 106 -18.07 14.81 15.48
C LYS A 106 -17.12 15.75 14.74
N ILE A 107 -16.12 15.21 14.05
CA ILE A 107 -15.12 16.02 13.36
C ILE A 107 -15.38 16.00 11.86
N ILE A 108 -15.88 14.87 11.36
CA ILE A 108 -16.17 14.74 9.94
C ILE A 108 -17.36 15.61 9.57
N ARG A 109 -17.20 16.42 8.53
CA ARG A 109 -18.23 17.32 8.06
C ARG A 109 -19.14 16.57 7.10
N VAL A 110 -20.41 16.39 7.48
CA VAL A 110 -21.37 15.59 6.73
C VAL A 110 -22.62 16.41 6.49
N SER A 111 -23.26 16.18 5.35
CA SER A 111 -24.55 16.79 5.06
C SER A 111 -25.68 15.98 5.71
N THR A 112 -26.86 16.61 5.76
CA THR A 112 -28.01 15.95 6.39
C THR A 112 -28.51 14.78 5.54
N LYS A 113 -28.49 14.93 4.21
CA LYS A 113 -28.89 13.87 3.30
C LYS A 113 -27.62 13.18 2.80
N THR A 114 -27.29 12.05 3.42
CA THR A 114 -26.09 11.29 3.09
C THR A 114 -26.48 9.83 2.91
N ASP A 115 -26.04 9.23 1.82
CA ASP A 115 -26.43 7.86 1.51
C ASP A 115 -25.57 6.82 2.21
N ALA A 116 -24.40 7.20 2.71
CA ALA A 116 -23.49 6.27 3.36
C ALA A 116 -23.84 6.10 4.83
N SER A 117 -23.59 4.90 5.34
CA SER A 117 -23.82 4.62 6.75
C SER A 117 -22.76 5.29 7.61
N ASN A 118 -23.05 5.39 8.91
CA ASN A 118 -22.10 6.01 9.83
C ASN A 118 -20.81 5.22 9.91
N SER A 119 -20.86 3.92 9.65
CA SER A 119 -19.65 3.11 9.62
C SER A 119 -18.79 3.47 8.41
N ALA A 120 -19.42 3.71 7.26
CA ALA A 120 -18.66 4.08 6.07
C ALA A 120 -18.11 5.50 6.19
N ILE A 121 -18.85 6.40 6.84
CA ILE A 121 -18.38 7.77 7.02
C ILE A 121 -17.15 7.79 7.94
N LEU A 122 -17.20 7.02 9.02
CA LEU A 122 -16.06 6.96 9.94
C LEU A 122 -14.87 6.26 9.29
N CYS A 123 -15.11 5.21 8.51
CA CYS A 123 -14.01 4.50 7.87
C CYS A 123 -13.34 5.35 6.80
N THR A 124 -14.15 6.03 5.97
CA THR A 124 -13.60 6.90 4.95
C THR A 124 -12.75 8.00 5.56
N GLY A 125 -13.21 8.58 6.67
CA GLY A 125 -12.42 9.60 7.34
C GLY A 125 -11.17 9.03 8.01
N PHE A 126 -11.27 7.83 8.57
CA PHE A 126 -10.12 7.21 9.21
C PHE A 126 -9.06 6.84 8.18
N ARG A 127 -9.47 6.24 7.06
CA ARG A 127 -8.52 5.89 6.01
C ARG A 127 -7.89 7.14 5.40
N ALA A 128 -8.69 8.18 5.17
CA ALA A 128 -8.19 9.38 4.51
C ALA A 128 -7.19 10.14 5.37
N ILE A 129 -7.13 9.86 6.68
CA ILE A 129 -6.13 10.52 7.52
C ILE A 129 -4.72 10.14 7.08
N PHE A 130 -4.48 8.83 6.88
CA PHE A 130 -3.15 8.38 6.55
C PHE A 130 -2.78 8.70 5.10
N GLY A 131 -3.77 8.86 4.23
CA GLY A 131 -3.49 9.33 2.88
C GLY A 131 -3.01 10.77 2.87
N ALA A 132 -3.58 11.60 3.73
CA ALA A 132 -3.13 12.99 3.84
C ALA A 132 -1.83 13.11 4.61
N ILE A 133 -1.56 12.19 5.53
CA ILE A 133 -0.30 12.21 6.27
C ILE A 133 0.88 11.99 5.34
N ALA A 134 0.76 11.01 4.43
CA ALA A 134 1.83 10.74 3.49
C ALA A 134 2.04 11.90 2.52
N ILE A 135 0.96 12.51 2.05
CA ILE A 135 1.08 13.66 1.16
C ILE A 135 1.70 14.84 1.90
N ASP A 136 1.35 15.03 3.17
CA ASP A 136 1.89 16.14 3.94
C ASP A 136 3.35 15.90 4.31
N ALA A 137 3.71 14.65 4.61
CA ALA A 137 5.08 14.32 5.01
C ALA A 137 5.98 14.02 3.84
N GLY A 138 5.43 13.61 2.70
CA GLY A 138 6.23 13.19 1.57
C GLY A 138 6.79 11.79 1.67
N THR A 139 6.44 11.04 2.71
CA THR A 139 6.93 9.68 2.90
C THR A 139 5.77 8.80 3.34
N VAL A 140 5.66 7.62 2.73
CA VAL A 140 4.62 6.67 3.13
C VAL A 140 5.01 5.97 4.42
N ASP A 141 6.31 5.83 4.69
CA ASP A 141 6.76 5.19 5.92
C ASP A 141 6.22 5.89 7.15
N GLU A 142 6.09 7.21 7.09
CA GLU A 142 5.58 7.96 8.23
C GLU A 142 4.12 7.62 8.51
N ALA A 143 3.32 7.46 7.45
CA ALA A 143 1.92 7.08 7.63
C ALA A 143 1.79 5.67 8.18
N ILE A 144 2.69 4.77 7.79
CA ILE A 144 2.67 3.40 8.31
C ILE A 144 3.02 3.39 9.79
N LYS A 145 3.94 4.25 10.20
CA LYS A 145 4.32 4.31 11.61
C LYS A 145 3.18 4.87 12.47
N VAL A 146 2.45 5.86 11.94
CA VAL A 146 1.37 6.45 12.71
C VAL A 146 0.19 5.50 12.83
N PHE A 147 -0.10 4.74 11.77
CA PHE A 147 -1.21 3.80 11.82
C PHE A 147 -0.95 2.68 12.83
N TRP A 148 0.30 2.20 12.90
CA TRP A 148 0.63 1.15 13.86
C TRP A 148 0.39 1.62 15.29
N LYS A 149 0.46 2.93 15.53
CA LYS A 149 0.22 3.46 16.87
C LYS A 149 -1.27 3.62 17.15
N VAL A 150 -2.01 4.18 16.20
CA VAL A 150 -3.45 4.40 16.40
C VAL A 150 -4.19 3.08 16.50
N HIS A 151 -3.87 2.13 15.61
CA HIS A 151 -4.50 0.82 15.68
C HIS A 151 -3.97 0.01 16.84
N GLY A 152 -2.68 0.16 17.16
CA GLY A 152 -2.09 -0.57 18.26
C GLY A 152 -2.60 -0.17 19.62
N ALA A 153 -3.10 1.06 19.75
CA ALA A 153 -3.67 1.52 21.02
C ALA A 153 -5.06 0.99 21.27
N ARG A 154 -5.60 0.18 20.37
CA ARG A 154 -6.92 -0.43 20.52
C ARG A 154 -6.89 -1.94 20.26
N ALA A 155 -6.18 -2.38 19.23
CA ALA A 155 -6.10 -3.79 18.90
C ALA A 155 -4.64 -4.20 18.65
N SER B 13 26.99 -21.05 -8.77
CA SER B 13 25.77 -21.45 -9.46
C SER B 13 25.32 -20.37 -10.44
N PRO B 14 24.71 -20.78 -11.55
CA PRO B 14 24.17 -19.80 -12.50
C PRO B 14 23.08 -18.93 -11.90
N PHE B 15 22.39 -19.41 -10.85
CA PHE B 15 21.34 -18.62 -10.23
C PHE B 15 21.92 -17.50 -9.38
N ALA B 16 23.09 -17.72 -8.77
CA ALA B 16 23.70 -16.69 -7.94
C ALA B 16 24.23 -15.52 -8.76
N THR B 17 24.57 -15.76 -10.02
CA THR B 17 25.09 -14.68 -10.85
C THR B 17 23.96 -13.87 -11.50
N ASP B 18 22.88 -14.53 -11.89
CA ASP B 18 21.74 -13.81 -12.45
C ASP B 18 21.10 -12.88 -11.42
N LEU B 19 21.19 -13.22 -10.13
CA LEU B 19 20.66 -12.34 -9.10
C LEU B 19 21.54 -11.11 -8.93
N ALA B 20 22.86 -11.26 -9.07
CA ALA B 20 23.76 -10.12 -8.94
C ALA B 20 23.56 -9.12 -10.06
N LYS B 21 23.25 -9.60 -11.27
CA LYS B 21 22.97 -8.69 -12.38
C LYS B 21 21.62 -8.00 -12.19
N LEU B 22 20.64 -8.71 -11.65
CA LEU B 22 19.32 -8.12 -11.43
C LEU B 22 19.36 -7.05 -10.35
N GLN B 23 20.20 -7.23 -9.32
CA GLN B 23 20.33 -6.21 -8.29
C GLN B 23 20.96 -4.95 -8.83
N THR B 24 21.83 -5.06 -9.84
CA THR B 24 22.43 -3.89 -10.45
C THR B 24 21.46 -3.17 -11.38
N GLN B 25 20.52 -3.91 -11.98
CA GLN B 25 19.53 -3.30 -12.85
C GLN B 25 18.50 -2.51 -12.06
N ILE B 26 17.91 -3.13 -11.04
CA ILE B 26 16.87 -2.45 -10.27
C ILE B 26 17.47 -1.34 -9.41
N GLY B 27 18.74 -1.45 -9.05
CA GLY B 27 19.41 -0.42 -8.29
C GLY B 27 19.49 -0.63 -6.80
N TYR B 28 18.99 -1.76 -6.29
CA TYR B 28 19.02 -2.05 -4.87
C TYR B 28 19.85 -3.31 -4.63
N LYS B 29 20.68 -3.27 -3.59
CA LYS B 29 21.52 -4.39 -3.20
C LYS B 29 20.99 -4.97 -1.90
N PHE B 30 20.65 -6.26 -1.93
CA PHE B 30 20.01 -6.90 -0.79
C PHE B 30 21.00 -7.22 0.31
N ASN B 31 20.53 -7.14 1.55
CA ASN B 31 21.27 -7.59 2.71
C ASN B 31 21.08 -9.08 2.97
N ASN B 32 19.91 -9.63 2.60
CA ASN B 32 19.61 -11.05 2.71
C ASN B 32 19.06 -11.50 1.36
N ILE B 33 19.92 -12.06 0.52
CA ILE B 33 19.53 -12.41 -0.84
C ILE B 33 18.49 -13.51 -0.90
N ASN B 34 18.27 -14.24 0.21
CA ASN B 34 17.24 -15.26 0.22
C ASN B 34 15.86 -14.66 0.02
N LEU B 35 15.67 -13.39 0.41
CA LEU B 35 14.43 -12.70 0.09
C LEU B 35 14.28 -12.50 -1.41
N LEU B 36 15.39 -12.32 -2.13
CA LEU B 36 15.33 -12.22 -3.58
C LEU B 36 15.27 -13.59 -4.24
N ARG B 37 15.94 -14.59 -3.66
CA ARG B 37 15.82 -15.95 -4.16
C ARG B 37 14.37 -16.43 -4.05
N ARG B 38 13.74 -16.18 -2.91
CA ARG B 38 12.34 -16.54 -2.73
C ARG B 38 11.43 -15.71 -3.62
N ALA B 39 11.85 -14.47 -3.93
CA ALA B 39 11.04 -13.61 -4.79
C ALA B 39 11.01 -14.11 -6.23
N MET B 40 12.06 -14.80 -6.66
CA MET B 40 12.12 -15.34 -8.02
C MET B 40 11.62 -16.76 -8.12
N THR B 41 11.33 -17.42 -6.99
CA THR B 41 10.86 -18.79 -7.01
C THR B 41 9.35 -18.81 -7.19
N HIS B 42 8.89 -19.36 -8.32
CA HIS B 42 7.47 -19.46 -8.60
C HIS B 42 6.84 -20.57 -7.75
N ALA B 43 5.51 -20.53 -7.66
CA ALA B 43 4.80 -21.52 -6.85
C ALA B 43 4.93 -22.93 -7.41
N SER B 44 5.13 -23.07 -8.72
CA SER B 44 5.24 -24.39 -9.31
C SER B 44 6.58 -25.05 -9.02
N PHE B 45 7.56 -24.29 -8.55
CA PHE B 45 8.90 -24.82 -8.29
C PHE B 45 9.05 -25.35 -6.86
N SER B 46 8.43 -24.68 -5.90
CA SER B 46 8.59 -25.06 -4.50
C SER B 46 7.45 -24.48 -3.68
N GLN B 47 7.16 -25.13 -2.55
CA GLN B 47 6.21 -24.57 -1.60
C GLN B 47 6.75 -23.29 -0.97
N GLU B 48 8.07 -23.13 -0.97
CA GLU B 48 8.72 -21.89 -0.55
C GLU B 48 8.85 -21.02 -1.80
N ASN B 49 7.90 -20.11 -1.98
CA ASN B 49 7.78 -19.36 -3.23
C ASN B 49 7.42 -17.92 -2.91
N ASN B 50 6.84 -17.22 -3.88
CA ASN B 50 6.64 -15.78 -3.79
C ASN B 50 5.18 -15.37 -3.87
N LYS B 51 4.25 -16.28 -3.55
CA LYS B 51 2.84 -15.91 -3.57
C LYS B 51 2.51 -14.88 -2.52
N ALA B 52 3.08 -15.01 -1.32
CA ALA B 52 2.82 -14.02 -0.27
C ALA B 52 3.58 -12.73 -0.53
N LEU B 53 4.77 -12.80 -1.13
CA LEU B 53 5.53 -11.59 -1.42
C LEU B 53 4.89 -10.79 -2.55
N SER B 54 4.28 -11.46 -3.54
CA SER B 54 3.67 -10.75 -4.65
C SER B 54 2.44 -9.98 -4.19
N ILE B 55 1.68 -10.52 -3.23
CA ILE B 55 0.54 -9.80 -2.68
C ILE B 55 1.01 -8.52 -1.99
N PHE B 56 2.13 -8.61 -1.26
CA PHE B 56 2.73 -7.42 -0.66
C PHE B 56 3.13 -6.42 -1.75
N GLY B 57 3.78 -6.91 -2.81
CA GLY B 57 4.21 -6.02 -3.87
C GLY B 57 3.07 -5.34 -4.59
N THR B 58 1.90 -6.00 -4.65
CA THR B 58 0.73 -5.37 -5.25
C THR B 58 0.33 -4.11 -4.51
N HIS B 59 0.22 -4.18 -3.18
CA HIS B 59 -0.20 -3.02 -2.42
C HIS B 59 0.89 -1.95 -2.37
N ILE B 60 2.16 -2.34 -2.52
CA ILE B 60 3.23 -1.36 -2.60
C ILE B 60 3.13 -0.56 -3.91
N ILE B 61 2.79 -1.24 -5.00
CA ILE B 61 2.64 -0.55 -6.28
C ILE B 61 1.39 0.32 -6.27
N GLU B 62 0.29 -0.17 -5.68
CA GLU B 62 -0.92 0.63 -5.55
C GLU B 62 -0.66 1.89 -4.73
N THR B 63 0.16 1.78 -3.69
CA THR B 63 0.47 2.94 -2.86
C THR B 63 1.38 3.92 -3.59
N ALA B 64 2.35 3.40 -4.36
CA ALA B 64 3.26 4.27 -5.09
C ALA B 64 2.52 5.07 -6.15
N VAL B 65 1.57 4.44 -6.85
CA VAL B 65 0.78 5.16 -7.84
C VAL B 65 -0.08 6.22 -7.18
N SER B 66 -0.73 5.88 -6.07
CA SER B 66 -1.56 6.85 -5.36
C SER B 66 -0.73 8.00 -4.80
N LEU B 67 0.52 7.74 -4.45
CA LEU B 67 1.35 8.80 -3.86
C LEU B 67 1.73 9.85 -4.89
N GLN B 68 2.00 9.43 -6.14
CA GLN B 68 2.46 10.37 -7.14
C GLN B 68 1.35 11.27 -7.64
N PHE B 69 0.21 10.67 -8.03
CA PHE B 69 -0.86 11.45 -8.63
C PHE B 69 -1.62 12.30 -7.62
N LEU B 70 -1.58 11.95 -6.34
CA LEU B 70 -2.23 12.78 -5.33
C LEU B 70 -1.34 13.94 -4.91
N ALA B 71 -0.02 13.70 -4.83
CA ALA B 71 0.92 14.80 -4.59
C ALA B 71 1.11 15.68 -5.81
N LYS B 72 0.49 15.32 -6.95
CA LYS B 72 0.54 16.09 -8.18
C LYS B 72 -0.76 16.83 -8.45
N ASP B 73 -1.90 16.21 -8.22
CA ASP B 73 -3.22 16.84 -8.37
C ASP B 73 -4.06 16.41 -7.17
N ILE B 74 -4.06 17.23 -6.12
CA ILE B 74 -4.81 16.90 -4.92
C ILE B 74 -6.32 16.94 -5.16
N ASP B 75 -6.76 17.69 -6.16
CA ASP B 75 -8.18 17.79 -6.49
C ASP B 75 -8.64 16.70 -7.46
N ILE B 76 -7.86 15.63 -7.61
CA ILE B 76 -8.20 14.57 -8.55
C ILE B 76 -9.46 13.83 -8.09
N SER B 77 -10.23 13.34 -9.05
CA SER B 77 -11.42 12.57 -8.74
C SER B 77 -11.03 11.18 -8.22
N SER B 78 -11.88 10.63 -7.36
CA SER B 78 -11.66 9.27 -6.89
C SER B 78 -11.87 8.26 -8.01
N LYS B 79 -12.75 8.56 -8.96
CA LYS B 79 -12.95 7.67 -10.09
C LYS B 79 -11.77 7.74 -11.07
N ALA B 80 -11.05 8.86 -11.09
CA ALA B 80 -9.88 8.96 -11.95
C ALA B 80 -8.67 8.29 -11.33
N LEU B 81 -8.51 8.40 -10.01
CA LEU B 81 -7.39 7.75 -9.34
C LEU B 81 -7.51 6.23 -9.43
N GLY B 82 -8.73 5.70 -9.29
CA GLY B 82 -8.90 4.26 -9.35
C GLY B 82 -8.58 3.67 -10.71
N ARG B 83 -8.85 4.42 -11.78
CA ARG B 83 -8.53 3.92 -13.12
C ARG B 83 -7.03 3.95 -13.37
N LEU B 84 -6.34 4.97 -12.85
CA LEU B 84 -4.88 5.01 -12.97
C LEU B 84 -4.24 3.87 -12.19
N ILE B 85 -4.73 3.59 -10.98
CA ILE B 85 -4.23 2.46 -10.20
C ILE B 85 -4.47 1.16 -10.93
N SER B 86 -5.66 0.99 -11.51
CA SER B 86 -6.01 -0.26 -12.18
C SER B 86 -5.24 -0.44 -13.48
N GLU B 87 -4.86 0.66 -14.14
CA GLU B 87 -4.10 0.53 -15.38
C GLU B 87 -2.65 0.14 -15.12
N VAL B 88 -2.02 0.76 -14.12
CA VAL B 88 -0.66 0.37 -13.77
C VAL B 88 -0.64 -1.02 -13.14
N SER B 89 -1.74 -1.43 -12.51
CA SER B 89 -1.85 -2.76 -11.93
C SER B 89 -2.37 -3.80 -12.92
N ASN B 90 -2.37 -3.50 -14.21
CA ASN B 90 -2.78 -4.48 -15.21
C ASN B 90 -1.68 -5.49 -15.42
N VAL B 91 -2.04 -6.78 -15.40
CA VAL B 91 -1.03 -7.83 -15.48
C VAL B 91 -0.30 -7.79 -16.81
N GLU B 92 -1.05 -7.79 -17.92
CA GLU B 92 -0.47 -7.94 -19.24
C GLU B 92 -0.04 -6.63 -19.87
N SER B 93 -0.74 -5.53 -19.59
CA SER B 93 -0.49 -4.26 -20.26
C SER B 93 0.54 -3.39 -19.56
N SER B 94 1.04 -3.80 -18.39
CA SER B 94 2.00 -2.97 -17.65
C SER B 94 2.86 -3.79 -16.72
N CYS B 95 2.25 -4.67 -15.92
CA CYS B 95 2.98 -5.41 -14.91
C CYS B 95 3.97 -6.38 -15.55
N ALA B 96 3.51 -7.15 -16.53
CA ALA B 96 4.39 -8.12 -17.19
C ALA B 96 5.44 -7.44 -18.04
N LEU B 97 5.13 -6.26 -18.59
CA LEU B 97 6.11 -5.53 -19.40
C LEU B 97 7.31 -5.12 -18.57
N ASP B 98 7.07 -4.60 -17.36
CA ASP B 98 8.18 -4.21 -16.49
C ASP B 98 8.99 -5.42 -16.04
N GLY B 99 8.34 -6.59 -15.94
CA GLY B 99 9.09 -7.80 -15.65
C GLY B 99 9.87 -8.31 -16.84
N ASP B 100 9.34 -8.13 -18.05
CA ASP B 100 10.06 -8.54 -19.25
C ASP B 100 11.26 -7.63 -19.50
N ARG B 101 11.12 -6.34 -19.19
CA ARG B 101 12.25 -5.43 -19.34
C ARG B 101 13.44 -5.87 -18.50
N LEU B 102 13.19 -6.34 -17.28
CA LEU B 102 14.25 -6.84 -16.42
C LEU B 102 14.64 -8.28 -16.75
N GLY B 103 14.00 -8.90 -17.72
CA GLY B 103 14.34 -10.26 -18.10
C GLY B 103 14.06 -11.28 -17.02
N LEU B 104 12.95 -11.12 -16.30
CA LEU B 104 12.61 -12.05 -15.24
C LEU B 104 12.26 -13.43 -15.77
N GLY B 105 11.88 -13.54 -17.05
CA GLY B 105 11.60 -14.83 -17.63
C GLY B 105 12.79 -15.77 -17.68
N LYS B 106 13.99 -15.23 -17.52
CA LYS B 106 15.21 -16.03 -17.46
C LYS B 106 15.73 -16.21 -16.04
N ILE B 107 15.03 -15.67 -15.05
CA ILE B 107 15.51 -15.71 -13.67
C ILE B 107 14.51 -16.47 -12.80
N ILE B 108 13.22 -16.35 -13.12
CA ILE B 108 12.19 -16.98 -12.30
C ILE B 108 12.32 -18.50 -12.37
N ARG B 109 12.35 -19.13 -11.20
CA ARG B 109 12.45 -20.58 -11.10
C ARG B 109 11.05 -21.17 -11.22
N VAL B 110 10.77 -21.83 -12.35
CA VAL B 110 9.50 -22.49 -12.59
C VAL B 110 9.78 -23.97 -12.84
N SER B 111 8.77 -24.79 -12.59
CA SER B 111 8.89 -26.22 -12.86
C SER B 111 9.04 -26.45 -14.36
N THR B 112 9.63 -27.59 -14.71
CA THR B 112 9.85 -27.91 -16.12
C THR B 112 8.54 -28.04 -16.89
N LYS B 113 7.42 -28.24 -16.20
CA LYS B 113 6.11 -28.24 -16.85
C LYS B 113 5.59 -26.82 -17.09
N THR B 114 6.15 -25.83 -16.42
CA THR B 114 5.71 -24.44 -16.53
C THR B 114 6.63 -23.67 -17.47
N ASP B 115 6.03 -22.80 -18.28
CA ASP B 115 6.77 -21.94 -19.19
C ASP B 115 6.97 -20.57 -18.54
N ALA B 116 8.23 -20.15 -18.43
CA ALA B 116 8.58 -18.94 -17.68
C ALA B 116 8.19 -17.65 -18.38
N SER B 117 7.88 -17.70 -19.68
CA SER B 117 7.53 -16.48 -20.40
C SER B 117 6.07 -16.08 -20.23
N ASN B 118 5.32 -16.79 -19.39
CA ASN B 118 3.93 -16.43 -19.13
C ASN B 118 3.86 -15.06 -18.46
N SER B 119 2.93 -14.22 -18.92
CA SER B 119 2.80 -12.88 -18.37
C SER B 119 2.39 -12.91 -16.90
N ALA B 120 1.59 -13.91 -16.50
CA ALA B 120 1.20 -14.04 -15.11
C ALA B 120 2.41 -14.39 -14.24
N ILE B 121 3.26 -15.28 -14.72
CA ILE B 121 4.48 -15.60 -13.97
C ILE B 121 5.41 -14.39 -13.91
N LEU B 122 5.47 -13.61 -14.99
CA LEU B 122 6.30 -12.41 -15.00
C LEU B 122 5.79 -11.38 -14.01
N CYS B 123 4.47 -11.16 -13.99
CA CYS B 123 3.90 -10.14 -13.10
C CYS B 123 4.06 -10.54 -11.63
N THR B 124 3.94 -11.83 -11.33
CA THR B 124 4.08 -12.27 -9.95
C THR B 124 5.51 -12.06 -9.45
N GLY B 125 6.50 -12.45 -10.26
CA GLY B 125 7.89 -12.22 -9.87
C GLY B 125 8.27 -10.76 -9.82
N PHE B 126 7.58 -9.91 -10.60
CA PHE B 126 7.87 -8.49 -10.58
C PHE B 126 7.36 -7.84 -9.29
N ARG B 127 6.14 -8.17 -8.89
CA ARG B 127 5.59 -7.63 -7.64
C ARG B 127 6.34 -8.18 -6.43
N ALA B 128 6.76 -9.45 -6.49
CA ALA B 128 7.49 -10.04 -5.38
C ALA B 128 8.83 -9.36 -5.13
N ILE B 129 9.37 -8.66 -6.12
CA ILE B 129 10.63 -7.96 -5.93
C ILE B 129 10.48 -6.82 -4.93
N PHE B 130 9.39 -6.05 -5.04
CA PHE B 130 9.20 -4.91 -4.16
C PHE B 130 8.76 -5.32 -2.76
N GLY B 131 8.00 -6.42 -2.64
CA GLY B 131 7.74 -6.98 -1.34
C GLY B 131 8.97 -7.50 -0.65
N ALA B 132 10.00 -7.85 -1.42
CA ALA B 132 11.25 -8.31 -0.83
C ALA B 132 12.16 -7.15 -0.43
N ILE B 133 12.09 -6.04 -1.16
CA ILE B 133 12.92 -4.88 -0.81
C ILE B 133 12.42 -4.24 0.48
N ALA B 134 11.10 -4.12 0.64
CA ALA B 134 10.55 -3.49 1.82
C ALA B 134 10.89 -4.26 3.09
N ILE B 135 10.95 -5.60 2.99
CA ILE B 135 11.32 -6.40 4.14
C ILE B 135 12.82 -6.37 4.37
N ASP B 136 13.61 -6.39 3.30
CA ASP B 136 15.06 -6.39 3.43
C ASP B 136 15.59 -5.03 3.87
N ALA B 137 14.89 -3.95 3.53
CA ALA B 137 15.32 -2.60 3.89
C ALA B 137 14.58 -2.03 5.08
N GLY B 138 13.55 -2.73 5.58
CA GLY B 138 12.80 -2.22 6.71
C GLY B 138 12.06 -0.93 6.44
N THR B 139 11.77 -0.64 5.17
CA THR B 139 11.10 0.59 4.81
C THR B 139 10.39 0.38 3.47
N VAL B 140 9.24 1.03 3.33
CA VAL B 140 8.43 0.89 2.12
C VAL B 140 8.79 1.94 1.08
N ASP B 141 9.13 3.16 1.51
CA ASP B 141 9.50 4.21 0.56
C ASP B 141 10.68 3.80 -0.30
N GLU B 142 11.60 3.00 0.24
CA GLU B 142 12.70 2.49 -0.57
C GLU B 142 12.18 1.62 -1.71
N ALA B 143 11.20 0.76 -1.41
CA ALA B 143 10.58 -0.04 -2.47
C ALA B 143 9.76 0.82 -3.42
N ILE B 144 9.19 1.91 -2.91
CA ILE B 144 8.47 2.85 -3.78
C ILE B 144 9.43 3.55 -4.73
N LYS B 145 10.62 3.91 -4.24
CA LYS B 145 11.62 4.55 -5.09
C LYS B 145 12.07 3.62 -6.20
N VAL B 146 12.33 2.35 -5.87
CA VAL B 146 12.83 1.41 -6.87
C VAL B 146 11.76 1.10 -7.90
N PHE B 147 10.48 1.20 -7.55
CA PHE B 147 9.43 1.01 -8.54
C PHE B 147 9.53 2.06 -9.63
N TRP B 148 9.63 3.33 -9.25
CA TRP B 148 9.94 4.37 -10.21
C TRP B 148 11.39 4.19 -10.69
N LYS B 149 11.70 4.83 -11.82
CA LYS B 149 12.98 4.69 -12.51
C LYS B 149 13.17 3.27 -13.03
N VAL B 150 12.20 2.39 -12.76
CA VAL B 150 12.17 1.05 -13.33
C VAL B 150 10.92 0.85 -14.18
N HIS B 151 9.78 1.36 -13.73
CA HIS B 151 8.53 1.29 -14.48
C HIS B 151 8.62 2.05 -15.80
#